data_5LRS
#
_entry.id   5LRS
#
_cell.length_a   78.961
_cell.length_b   78.961
_cell.length_c   265.224
_cell.angle_alpha   90.00
_cell.angle_beta   90.00
_cell.angle_gamma   90.00
#
_symmetry.space_group_name_H-M   'P 43 21 2'
#
loop_
_entity.id
_entity.type
_entity.pdbx_description
1 polymer 'Listeriolysin positive regulatory factor A'
2 polymer 'DNA (30-MER)'
3 polymer 'DNA (30-MER)'
4 non-polymer GLUTATHIONE
5 water water
#
loop_
_entity_poly.entity_id
_entity_poly.type
_entity_poly.pdbx_seq_one_letter_code
_entity_poly.pdbx_strand_id
1 'polypeptide(L)'
;MNAQAEEFKKYLETNGIKPKQFHKKELIFNQWDPQEYCIFLYDGITKLTSISENGTIMNLQYYKGAFVIMSGFIDTETSV
GYYNLEVISEQATAYVIKINELKELLSKNLTHFFYVFQTLQKQVSYSLAKFNDFSINGKLGSICGQLLILTYVYGKETPD
GIKITLDNLTMQELGYSSGIAHSSAVSRIISKLKQEKVIVYKNSCFYVQNLDYLKRYAPKLDEWFYLACPATWGKLN
;
A,B
2 'polydeoxyribonucleotide'
;(DT)(DT)(DG)(DA)(DG)(DG)(DC)(DA)(DT)(DT)(DA)(DA)(DC)(DA)(DT)(DT)(DT)(DG)(DT)(DT)
(DA)(DA)(DC)(DG)(DA)(DC)(DG)(DA)(DT)(DA)
;
C
3 'polydeoxyribonucleotide'
;(DT)(DA)(DT)(DC)(DG)(DT)(DC)(DG)(DT)(DT)(DA)(DA)(DC)(DA)(DA)(DA)(DT)(DG)(DT)(DT)
(DA)(DA)(DT)(DG)(DC)(DC)(DT)(DC)(DA)(DA)
;
D
#
loop_
_chem_comp.id
_chem_comp.type
_chem_comp.name
_chem_comp.formula
DA DNA linking 2'-DEOXYADENOSINE-5'-MONOPHOSPHATE 'C10 H14 N5 O6 P'
DC DNA linking 2'-DEOXYCYTIDINE-5'-MONOPHOSPHATE 'C9 H14 N3 O7 P'
DG DNA linking 2'-DEOXYGUANOSINE-5'-MONOPHOSPHATE 'C10 H14 N5 O7 P'
DT DNA linking THYMIDINE-5'-MONOPHOSPHATE 'C10 H15 N2 O8 P'
GSH non-polymer GLUTATHIONE 'C10 H17 N3 O6 S'
#
# COMPACT_ATOMS: atom_id res chain seq x y z
N ASN A 2 2.65 11.68 -17.45
CA ASN A 2 2.11 12.17 -18.72
C ASN A 2 3.24 12.46 -19.71
N ALA A 3 3.93 13.58 -19.49
CA ALA A 3 5.05 13.94 -20.35
C ALA A 3 6.29 13.10 -20.05
N GLN A 4 6.65 13.00 -18.76
CA GLN A 4 7.71 12.08 -18.36
C GLN A 4 7.47 10.68 -18.90
N ALA A 5 6.20 10.29 -19.02
CA ALA A 5 5.88 8.99 -19.60
C ALA A 5 6.11 8.97 -21.11
N GLU A 6 6.01 10.12 -21.77
CA GLU A 6 6.33 10.19 -23.20
C GLU A 6 7.83 10.08 -23.41
N GLU A 7 8.61 10.87 -22.67
CA GLU A 7 10.06 10.71 -22.72
C GLU A 7 10.46 9.28 -22.41
N PHE A 8 9.80 8.67 -21.42
CA PHE A 8 10.07 7.27 -21.10
C PHE A 8 9.73 6.37 -22.29
N LYS A 9 8.64 6.68 -23.00
CA LYS A 9 8.28 5.92 -24.19
C LYS A 9 9.40 5.96 -25.22
N LYS A 10 9.80 7.18 -25.61
CA LYS A 10 10.86 7.30 -26.61
C LYS A 10 12.12 6.58 -26.15
N TYR A 11 12.48 6.73 -24.87
CA TYR A 11 13.63 6.03 -24.32
C TYR A 11 13.52 4.52 -24.56
N LEU A 12 12.36 3.93 -24.22
CA LEU A 12 12.19 2.50 -24.41
C LEU A 12 12.27 2.11 -25.88
N GLU A 13 11.67 2.92 -26.76
CA GLU A 13 11.74 2.63 -28.19
C GLU A 13 13.12 2.90 -28.78
N THR A 14 14.04 3.45 -27.99
CA THR A 14 15.41 3.64 -28.46
C THR A 14 16.31 2.45 -28.15
N ASN A 15 15.97 1.66 -27.13
CA ASN A 15 16.80 0.53 -26.72
C ASN A 15 16.26 -0.81 -27.22
N GLY A 16 15.42 -0.79 -28.26
CA GLY A 16 14.90 -2.02 -28.82
C GLY A 16 13.73 -2.62 -28.08
N ILE A 17 13.22 -1.94 -27.05
CA ILE A 17 12.07 -2.43 -26.29
C ILE A 17 10.82 -1.87 -26.97
N LYS A 18 10.16 -2.71 -27.76
CA LYS A 18 9.00 -2.28 -28.52
C LYS A 18 7.70 -2.65 -27.79
N PRO A 19 6.63 -1.88 -28.00
CA PRO A 19 5.40 -2.14 -27.24
C PRO A 19 4.69 -3.39 -27.70
N LYS A 20 3.91 -3.96 -26.78
CA LYS A 20 3.00 -5.05 -27.11
C LYS A 20 1.57 -4.60 -26.86
N GLN A 21 0.65 -5.16 -27.66
CA GLN A 21 -0.76 -4.83 -27.62
C GLN A 21 -1.51 -5.94 -26.89
N PHE A 22 -2.54 -5.54 -26.14
CA PHE A 22 -3.39 -6.48 -25.42
C PHE A 22 -4.83 -6.04 -25.55
N HIS A 23 -5.73 -7.02 -25.58
CA HIS A 23 -7.16 -6.78 -25.69
C HIS A 23 -7.83 -7.07 -24.34
N LYS A 24 -9.14 -6.80 -24.28
CA LYS A 24 -9.87 -6.94 -23.04
C LYS A 24 -9.78 -8.36 -22.50
N LYS A 25 -9.75 -8.48 -21.17
CA LYS A 25 -9.73 -9.76 -20.46
C LYS A 25 -8.37 -10.46 -20.60
N GLU A 26 -7.49 -9.92 -21.42
CA GLU A 26 -6.18 -10.53 -21.62
C GLU A 26 -5.26 -10.18 -20.46
N LEU A 27 -4.52 -11.17 -19.98
CA LEU A 27 -3.58 -10.98 -18.88
C LEU A 27 -2.18 -10.75 -19.44
N ILE A 28 -1.44 -9.85 -18.79
CA ILE A 28 -0.07 -9.56 -19.18
C ILE A 28 0.86 -10.51 -18.45
N PHE A 29 0.82 -10.48 -17.11
CA PHE A 29 1.43 -11.50 -16.29
C PHE A 29 0.38 -12.10 -15.37
N ASN A 30 0.71 -13.25 -14.77
CA ASN A 30 -0.26 -13.98 -13.97
C ASN A 30 0.43 -14.53 -12.72
N GLN A 31 -0.40 -14.91 -11.74
CA GLN A 31 0.11 -15.32 -10.45
C GLN A 31 0.78 -16.69 -10.50
N TRP A 32 0.24 -17.60 -11.31
CA TRP A 32 0.70 -18.99 -11.30
C TRP A 32 1.99 -19.20 -12.09
N ASP A 33 2.33 -18.27 -12.99
CA ASP A 33 3.55 -18.34 -13.79
C ASP A 33 4.40 -17.12 -13.45
N PRO A 34 5.11 -17.15 -12.32
CA PRO A 34 5.86 -15.95 -11.90
C PRO A 34 7.10 -15.70 -12.74
N GLN A 35 6.95 -14.93 -13.80
CA GLN A 35 8.08 -14.35 -14.53
C GLN A 35 8.15 -12.87 -14.16
N GLU A 36 9.29 -12.43 -13.60
CA GLU A 36 9.43 -11.08 -13.07
C GLU A 36 9.58 -10.10 -14.22
N TYR A 37 8.53 -9.33 -14.48
CA TYR A 37 8.55 -8.28 -15.49
C TYR A 37 8.52 -6.92 -14.83
N CYS A 38 8.60 -5.88 -15.65
CA CYS A 38 8.37 -4.49 -15.24
C CYS A 38 7.47 -3.87 -16.29
N ILE A 39 6.16 -3.93 -16.05
CA ILE A 39 5.18 -3.47 -17.02
C ILE A 39 5.10 -1.95 -16.96
N PHE A 40 5.13 -1.32 -18.14
CA PHE A 40 4.95 0.13 -18.27
C PHE A 40 3.67 0.35 -19.07
N LEU A 41 2.52 0.27 -18.38
CA LEU A 41 1.24 0.49 -19.03
C LEU A 41 1.22 1.86 -19.69
N TYR A 42 1.40 1.89 -21.01
CA TYR A 42 1.42 3.17 -21.73
C TYR A 42 0.03 3.70 -21.99
N ASP A 43 -0.89 2.83 -22.41
CA ASP A 43 -2.25 3.24 -22.68
C ASP A 43 -3.20 2.09 -22.34
N GLY A 44 -4.38 2.44 -21.83
CA GLY A 44 -5.39 1.48 -21.50
C GLY A 44 -5.69 1.45 -20.01
N ILE A 45 -6.62 0.58 -19.65
CA ILE A 45 -7.07 0.41 -18.27
C ILE A 45 -6.96 -1.07 -17.91
N THR A 46 -6.37 -1.35 -16.75
CA THR A 46 -6.18 -2.71 -16.27
C THR A 46 -6.61 -2.79 -14.81
N LYS A 47 -6.62 -4.00 -14.28
CA LYS A 47 -6.95 -4.23 -12.88
C LYS A 47 -6.04 -5.31 -12.32
N LEU A 48 -5.48 -5.04 -11.13
CA LEU A 48 -4.61 -5.97 -10.44
C LEU A 48 -5.46 -6.84 -9.52
N THR A 49 -5.41 -8.16 -9.73
CA THR A 49 -6.29 -9.09 -9.03
C THR A 49 -5.47 -10.20 -8.38
N SER A 50 -6.12 -10.90 -7.45
CA SER A 50 -5.52 -12.02 -6.74
C SER A 50 -6.61 -13.02 -6.40
N ILE A 51 -6.31 -14.30 -6.56
CA ILE A 51 -7.28 -15.38 -6.36
C ILE A 51 -6.77 -16.28 -5.24
N SER A 52 -7.57 -16.42 -4.19
CA SER A 52 -7.24 -17.33 -3.10
C SER A 52 -7.27 -18.77 -3.60
N GLU A 53 -6.97 -19.71 -2.70
CA GLU A 53 -6.99 -21.11 -3.07
C GLU A 53 -8.40 -21.65 -3.23
N ASN A 54 -9.40 -21.01 -2.60
CA ASN A 54 -10.79 -21.42 -2.73
C ASN A 54 -11.47 -20.81 -3.96
N GLY A 55 -10.80 -19.89 -4.66
CA GLY A 55 -11.36 -19.25 -5.84
C GLY A 55 -11.80 -17.82 -5.61
N THR A 56 -11.80 -17.34 -4.37
CA THR A 56 -12.22 -15.97 -4.09
C THR A 56 -11.33 -14.98 -4.83
N ILE A 57 -11.95 -14.03 -5.53
CA ILE A 57 -11.24 -13.02 -6.29
C ILE A 57 -11.10 -11.77 -5.43
N MET A 58 -9.99 -11.07 -5.61
CA MET A 58 -9.73 -9.82 -4.91
C MET A 58 -9.17 -8.81 -5.90
N ASN A 59 -9.92 -7.74 -6.15
CA ASN A 59 -9.46 -6.65 -7.00
C ASN A 59 -8.72 -5.66 -6.11
N LEU A 60 -7.40 -5.58 -6.28
CA LEU A 60 -6.60 -4.72 -5.41
C LEU A 60 -6.68 -3.25 -5.85
N GLN A 61 -6.74 -3.01 -7.16
CA GLN A 61 -6.85 -1.66 -7.70
C GLN A 61 -6.85 -1.72 -9.21
N TYR A 62 -7.03 -0.57 -9.86
CA TYR A 62 -6.92 -0.44 -11.31
C TYR A 62 -5.65 0.31 -11.66
N TYR A 63 -5.32 0.30 -12.95
CA TYR A 63 -4.18 1.04 -13.48
C TYR A 63 -4.61 1.65 -14.81
N LYS A 64 -4.68 2.98 -14.85
CA LYS A 64 -4.96 3.74 -16.07
C LYS A 64 -3.66 4.42 -16.50
N GLY A 65 -3.14 4.03 -17.66
CA GLY A 65 -1.86 4.55 -18.11
C GLY A 65 -1.81 6.07 -18.13
N ALA A 66 -0.61 6.65 -18.08
CA ALA A 66 0.65 5.92 -18.00
C ALA A 66 1.02 5.62 -16.56
N PHE A 67 1.54 4.42 -16.31
CA PHE A 67 1.99 4.06 -14.96
C PHE A 67 2.97 2.89 -15.09
N VAL A 68 3.52 2.48 -13.95
CA VAL A 68 4.51 1.42 -13.89
C VAL A 68 4.07 0.39 -12.86
N ILE A 69 4.26 -0.89 -13.20
CA ILE A 69 3.89 -2.00 -12.32
C ILE A 69 5.10 -2.92 -12.20
N MET A 70 5.42 -3.32 -10.98
CA MET A 70 6.57 -4.16 -10.69
C MET A 70 6.07 -5.53 -10.25
N SER A 71 6.45 -6.56 -11.00
CA SER A 71 6.14 -7.94 -10.62
C SER A 71 7.29 -8.61 -9.88
N GLY A 72 8.48 -8.02 -9.90
CA GLY A 72 9.61 -8.57 -9.17
C GLY A 72 10.53 -7.48 -8.70
N PHE A 73 11.31 -7.79 -7.67
CA PHE A 73 12.26 -6.84 -7.12
C PHE A 73 13.39 -6.57 -8.11
N ILE A 74 13.91 -5.34 -8.07
CA ILE A 74 14.96 -4.95 -9.01
C ILE A 74 16.31 -5.53 -8.61
N ASP A 75 16.54 -5.74 -7.32
CA ASP A 75 17.80 -6.32 -6.84
C ASP A 75 17.72 -7.83 -6.87
N THR A 76 16.94 -8.41 -5.97
CA THR A 76 16.85 -9.86 -5.83
C THR A 76 16.21 -10.54 -7.04
N GLU A 77 15.53 -9.79 -7.91
CA GLU A 77 14.86 -10.35 -9.08
C GLU A 77 13.83 -11.41 -8.68
N THR A 78 13.29 -11.30 -7.47
CA THR A 78 12.27 -12.21 -6.98
C THR A 78 10.90 -11.55 -7.08
N SER A 79 9.86 -12.38 -7.14
CA SER A 79 8.51 -11.87 -7.27
C SER A 79 8.12 -11.09 -6.01
N VAL A 80 7.57 -9.88 -6.23
CA VAL A 80 7.08 -9.06 -5.12
C VAL A 80 5.76 -9.56 -4.56
N GLY A 81 5.24 -10.66 -5.06
CA GLY A 81 3.93 -11.16 -4.69
C GLY A 81 3.26 -11.70 -5.95
N TYR A 82 2.38 -12.66 -5.76
CA TYR A 82 1.73 -13.34 -6.88
C TYR A 82 0.41 -12.62 -7.17
N TYR A 83 0.40 -11.84 -8.24
CA TYR A 83 -0.77 -11.09 -8.64
C TYR A 83 -0.94 -11.18 -10.16
N ASN A 84 -2.15 -10.90 -10.61
CA ASN A 84 -2.48 -10.88 -12.03
C ASN A 84 -2.85 -9.45 -12.44
N LEU A 85 -2.71 -9.18 -13.73
CA LEU A 85 -2.99 -7.86 -14.29
C LEU A 85 -3.87 -8.04 -15.53
N GLU A 86 -5.18 -7.89 -15.37
CA GLU A 86 -6.14 -8.14 -16.43
C GLU A 86 -6.51 -6.84 -17.12
N VAL A 87 -6.49 -6.85 -18.44
CA VAL A 87 -6.92 -5.69 -19.22
C VAL A 87 -8.44 -5.65 -19.22
N ILE A 88 -9.01 -4.51 -18.84
CA ILE A 88 -10.46 -4.33 -18.84
C ILE A 88 -10.92 -3.31 -19.86
N SER A 89 -10.02 -2.51 -20.42
CA SER A 89 -10.37 -1.68 -21.57
C SER A 89 -10.38 -2.52 -22.84
N GLU A 90 -10.90 -1.95 -23.92
CA GLU A 90 -10.96 -2.67 -25.18
C GLU A 90 -9.56 -3.01 -25.67
N GLN A 91 -8.67 -2.01 -25.74
CA GLN A 91 -7.31 -2.21 -26.18
C GLN A 91 -6.37 -1.44 -25.27
N ALA A 92 -5.17 -1.99 -25.08
CA ALA A 92 -4.17 -1.37 -24.23
C ALA A 92 -2.78 -1.66 -24.79
N THR A 93 -1.94 -0.63 -24.81
CA THR A 93 -0.56 -0.74 -25.24
C THR A 93 0.36 -0.69 -24.02
N ALA A 94 1.24 -1.69 -23.89
CA ALA A 94 2.12 -1.77 -22.73
C ALA A 94 3.49 -2.29 -23.16
N TYR A 95 4.54 -1.76 -22.53
CA TYR A 95 5.91 -2.18 -22.78
C TYR A 95 6.31 -3.19 -21.71
N VAL A 96 6.54 -4.44 -22.13
CA VAL A 96 6.96 -5.49 -21.21
C VAL A 96 8.48 -5.48 -21.15
N ILE A 97 9.02 -5.51 -19.94
CA ILE A 97 10.46 -5.47 -19.70
C ILE A 97 10.82 -6.55 -18.70
N LYS A 98 11.84 -7.35 -19.02
CA LYS A 98 12.34 -8.32 -18.07
C LYS A 98 13.05 -7.60 -16.92
N ILE A 99 12.86 -8.12 -15.70
CA ILE A 99 13.31 -7.41 -14.51
C ILE A 99 14.83 -7.22 -14.53
N ASN A 100 15.56 -8.17 -15.11
CA ASN A 100 17.02 -8.06 -15.11
C ASN A 100 17.51 -6.93 -16.01
N GLU A 101 16.74 -6.58 -17.04
CA GLU A 101 17.13 -5.48 -17.92
C GLU A 101 16.86 -4.12 -17.30
N LEU A 102 15.85 -4.03 -16.44
CA LEU A 102 15.44 -2.74 -15.90
C LEU A 102 16.58 -2.09 -15.12
N LYS A 103 17.37 -2.88 -14.40
CA LYS A 103 18.44 -2.32 -13.59
C LYS A 103 19.44 -1.54 -14.46
N GLU A 104 19.86 -2.15 -15.56
CA GLU A 104 20.79 -1.48 -16.48
C GLU A 104 20.10 -0.30 -17.16
N LEU A 105 18.90 -0.53 -17.71
CA LEU A 105 18.19 0.52 -18.43
C LEU A 105 18.03 1.78 -17.56
N LEU A 106 17.80 1.59 -16.26
CA LEU A 106 17.68 2.73 -15.36
C LEU A 106 19.05 3.29 -14.98
N SER A 107 20.04 2.42 -14.76
CA SER A 107 21.38 2.90 -14.47
C SER A 107 21.87 3.84 -15.55
N LYS A 108 21.49 3.58 -16.80
CA LYS A 108 21.90 4.42 -17.93
C LYS A 108 21.37 5.85 -17.90
N ASN A 109 20.10 6.00 -17.57
CA ASN A 109 19.46 7.31 -17.50
C ASN A 109 18.95 7.53 -16.10
N LEU A 110 19.22 8.69 -15.51
CA LEU A 110 18.79 8.91 -14.14
C LEU A 110 17.45 9.61 -14.03
N THR A 111 17.11 10.46 -15.01
CA THR A 111 15.81 11.14 -14.98
C THR A 111 14.67 10.15 -14.99
N HIS A 112 14.74 9.16 -15.89
CA HIS A 112 13.71 8.13 -15.95
C HIS A 112 13.72 7.26 -14.70
N PHE A 113 14.90 7.04 -14.12
CA PHE A 113 14.98 6.41 -12.80
C PHE A 113 14.11 7.17 -11.81
N PHE A 114 14.27 8.50 -11.76
CA PHE A 114 13.45 9.31 -10.87
C PHE A 114 11.98 9.24 -11.25
N TYR A 115 11.67 9.03 -12.53
CA TYR A 115 10.28 8.86 -12.94
C TYR A 115 9.68 7.60 -12.32
N VAL A 116 10.32 6.46 -12.54
CA VAL A 116 9.83 5.21 -11.96
C VAL A 116 9.75 5.34 -10.45
N PHE A 117 10.75 5.95 -9.82
CA PHE A 117 10.75 6.13 -8.38
C PHE A 117 9.53 6.92 -7.94
N GLN A 118 9.25 8.04 -8.61
CA GLN A 118 8.10 8.86 -8.25
C GLN A 118 6.80 8.07 -8.42
N THR A 119 6.66 7.33 -9.52
CA THR A 119 5.45 6.53 -9.70
C THR A 119 5.30 5.52 -8.56
N LEU A 120 6.40 4.90 -8.14
CA LEU A 120 6.34 3.96 -7.02
C LEU A 120 5.89 4.67 -5.75
N GLN A 121 6.35 5.90 -5.53
CA GLN A 121 5.88 6.66 -4.37
C GLN A 121 4.39 6.95 -4.47
N LYS A 122 3.91 7.26 -5.68
CA LYS A 122 2.46 7.41 -5.88
C LYS A 122 1.73 6.14 -5.51
N GLN A 123 2.30 4.99 -5.87
CA GLN A 123 1.72 3.71 -5.45
C GLN A 123 1.65 3.63 -3.93
N VAL A 124 2.74 4.00 -3.25
CA VAL A 124 2.78 3.90 -1.79
C VAL A 124 1.69 4.76 -1.16
N SER A 125 1.68 6.05 -1.50
CA SER A 125 0.69 6.95 -0.92
C SER A 125 -0.72 6.46 -1.23
N TYR A 126 -0.96 6.03 -2.46
CA TYR A 126 -2.27 5.49 -2.83
C TYR A 126 -2.67 4.36 -1.88
N SER A 127 -1.78 3.37 -1.71
CA SER A 127 -2.12 2.22 -0.89
C SER A 127 -2.36 2.62 0.56
N LEU A 128 -1.57 3.56 1.08
CA LEU A 128 -1.75 3.98 2.46
C LEU A 128 -3.10 4.67 2.65
N ALA A 129 -3.42 5.63 1.79
CA ALA A 129 -4.71 6.32 1.89
C ALA A 129 -5.86 5.34 1.78
N LYS A 130 -5.80 4.44 0.78
CA LYS A 130 -6.84 3.45 0.61
C LYS A 130 -6.99 2.60 1.87
N PHE A 131 -5.87 2.13 2.42
CA PHE A 131 -5.93 1.33 3.64
C PHE A 131 -6.61 2.09 4.76
N ASN A 132 -6.28 3.36 4.96
CA ASN A 132 -6.90 4.08 6.07
C ASN A 132 -8.43 4.28 5.98
N ASP A 133 -8.90 4.75 4.83
CA ASP A 133 -10.34 4.98 4.68
C ASP A 133 -11.20 3.73 4.70
N PHE A 134 -10.78 2.72 3.94
CA PHE A 134 -11.54 1.49 3.87
C PHE A 134 -11.61 0.87 5.23
N SER A 135 -10.49 0.90 5.92
CA SER A 135 -10.39 0.34 7.25
C SER A 135 -11.23 1.06 8.29
N ILE A 136 -11.27 2.40 8.27
CA ILE A 136 -12.03 3.10 9.33
C ILE A 136 -13.56 2.92 9.40
N ASN A 137 -14.27 3.09 8.30
CA ASN A 137 -15.73 2.98 8.33
C ASN A 137 -16.26 1.69 7.69
N GLY A 138 -15.48 0.61 7.70
CA GLY A 138 -16.00 -0.67 7.25
C GLY A 138 -16.34 -0.69 5.77
N LYS A 139 -17.38 -1.46 5.44
CA LYS A 139 -17.70 -1.75 4.04
C LYS A 139 -18.41 -0.58 3.36
N LEU A 140 -19.29 0.12 4.06
CA LEU A 140 -19.86 1.34 3.49
C LEU A 140 -18.75 2.32 3.12
N GLY A 141 -17.84 2.59 4.06
CA GLY A 141 -16.73 3.47 3.76
C GLY A 141 -15.83 2.96 2.65
N SER A 142 -15.68 1.64 2.55
CA SER A 142 -14.91 1.07 1.45
C SER A 142 -15.58 1.36 0.11
N ILE A 143 -16.88 1.11 0.03
CA ILE A 143 -17.64 1.42 -1.19
C ILE A 143 -17.49 2.89 -1.54
N CYS A 144 -17.67 3.78 -0.56
CA CYS A 144 -17.52 5.20 -0.81
C CYS A 144 -16.13 5.54 -1.32
N GLY A 145 -15.10 4.89 -0.75
CA GLY A 145 -13.74 5.15 -1.20
C GLY A 145 -13.54 4.73 -2.64
N GLN A 146 -13.89 3.49 -2.97
CA GLN A 146 -13.77 3.01 -4.35
C GLN A 146 -14.52 3.93 -5.30
N LEU A 147 -15.75 4.30 -4.94
CA LEU A 147 -16.54 5.19 -5.79
C LEU A 147 -15.83 6.52 -5.98
N LEU A 148 -15.21 7.06 -4.94
CA LEU A 148 -14.46 8.29 -5.08
C LEU A 148 -13.30 8.11 -6.06
N ILE A 149 -12.55 7.01 -5.91
CA ILE A 149 -11.44 6.74 -6.81
C ILE A 149 -11.92 6.71 -8.25
N LEU A 150 -12.92 5.86 -8.53
CA LEU A 150 -13.47 5.77 -9.87
C LEU A 150 -13.96 7.12 -10.38
N THR A 151 -14.49 7.94 -9.47
CA THR A 151 -15.02 9.25 -9.88
C THR A 151 -13.92 10.21 -10.24
N TYR A 152 -12.75 10.10 -9.61
CA TYR A 152 -11.66 11.01 -9.94
C TYR A 152 -10.93 10.54 -11.20
N VAL A 153 -10.60 9.25 -11.26
CA VAL A 153 -9.79 8.76 -12.38
C VAL A 153 -10.63 8.62 -13.64
N TYR A 154 -11.84 8.09 -13.52
CA TYR A 154 -12.67 7.77 -14.69
C TYR A 154 -13.95 8.59 -14.72
N GLY A 155 -14.01 9.69 -13.99
CA GLY A 155 -15.21 10.51 -13.91
C GLY A 155 -15.13 11.71 -14.82
N LYS A 156 -16.29 12.14 -15.32
CA LYS A 156 -16.38 13.32 -16.17
C LYS A 156 -17.70 14.02 -15.88
N GLU A 157 -17.65 15.34 -15.68
CA GLU A 157 -18.82 16.07 -15.21
C GLU A 157 -19.92 16.06 -16.27
N THR A 158 -21.15 15.93 -15.81
CA THR A 158 -22.34 15.89 -16.65
C THR A 158 -23.47 16.59 -15.90
N PRO A 159 -24.50 17.04 -16.62
CA PRO A 159 -25.64 17.67 -15.92
C PRO A 159 -26.33 16.74 -14.94
N ASP A 160 -26.27 15.42 -15.17
CA ASP A 160 -26.84 14.45 -14.24
C ASP A 160 -25.90 14.12 -13.08
N GLY A 161 -24.73 14.73 -13.02
CA GLY A 161 -23.78 14.48 -11.94
C GLY A 161 -22.36 14.35 -12.43
N ILE A 162 -21.72 13.23 -12.12
CA ILE A 162 -20.37 12.91 -12.59
C ILE A 162 -20.42 11.49 -13.12
N LYS A 163 -20.24 11.33 -14.42
CA LYS A 163 -20.35 10.02 -15.06
C LYS A 163 -19.04 9.26 -14.93
N ILE A 164 -19.11 8.06 -14.35
CA ILE A 164 -17.96 7.17 -14.25
C ILE A 164 -17.93 6.35 -15.55
N THR A 165 -17.03 6.72 -16.45
CA THR A 165 -16.99 6.14 -17.80
C THR A 165 -16.29 4.78 -17.76
N LEU A 166 -17.03 3.80 -17.22
CA LEU A 166 -16.57 2.41 -17.18
C LEU A 166 -17.67 1.51 -17.71
N ASP A 167 -17.35 0.75 -18.77
CA ASP A 167 -18.32 -0.16 -19.35
C ASP A 167 -18.76 -1.21 -18.32
N ASN A 168 -17.83 -2.02 -17.85
CA ASN A 168 -18.13 -3.11 -16.93
C ASN A 168 -17.84 -2.64 -15.51
N LEU A 169 -18.91 -2.33 -14.77
CA LEU A 169 -18.81 -2.02 -13.35
C LEU A 169 -20.00 -2.66 -12.63
N THR A 170 -20.06 -3.99 -12.69
CA THR A 170 -21.13 -4.74 -12.06
C THR A 170 -21.01 -4.67 -10.54
N MET A 171 -22.10 -5.05 -9.87
CA MET A 171 -22.08 -5.12 -8.41
C MET A 171 -20.96 -6.03 -7.92
N GLN A 172 -20.74 -7.15 -8.62
CA GLN A 172 -19.71 -8.08 -8.20
C GLN A 172 -18.33 -7.46 -8.32
N GLU A 173 -18.11 -6.63 -9.34
CA GLU A 173 -16.82 -5.98 -9.51
C GLU A 173 -16.53 -5.02 -8.35
N LEU A 174 -17.50 -4.19 -8.00
CA LEU A 174 -17.36 -3.34 -6.82
C LEU A 174 -17.08 -4.17 -5.59
N GLY A 175 -17.84 -5.25 -5.40
CA GLY A 175 -17.58 -6.15 -4.28
C GLY A 175 -16.13 -6.61 -4.23
N TYR A 176 -15.61 -7.05 -5.38
CA TYR A 176 -14.20 -7.45 -5.44
C TYR A 176 -13.28 -6.29 -5.11
N SER A 177 -13.67 -5.06 -5.46
CA SER A 177 -12.84 -3.90 -5.20
C SER A 177 -12.93 -3.41 -3.75
N SER A 178 -13.91 -3.88 -2.99
CA SER A 178 -14.11 -3.42 -1.62
C SER A 178 -14.13 -4.56 -0.61
N GLY A 179 -13.77 -5.78 -1.02
CA GLY A 179 -13.74 -6.89 -0.10
C GLY A 179 -15.09 -7.44 0.28
N ILE A 180 -16.12 -7.23 -0.54
CA ILE A 180 -17.44 -7.79 -0.31
C ILE A 180 -17.62 -8.99 -1.23
N ALA A 181 -18.00 -10.12 -0.66
CA ALA A 181 -18.05 -11.36 -1.42
C ALA A 181 -19.32 -11.46 -2.26
N HIS A 182 -20.47 -11.11 -1.69
CA HIS A 182 -21.76 -11.33 -2.32
C HIS A 182 -22.28 -10.05 -2.95
N SER A 183 -22.87 -10.18 -4.13
CA SER A 183 -23.37 -9.01 -4.86
C SER A 183 -24.60 -8.41 -4.18
N SER A 184 -25.37 -9.21 -3.46
CA SER A 184 -26.57 -8.70 -2.81
C SER A 184 -26.24 -7.57 -1.84
N ALA A 185 -25.18 -7.75 -1.04
CA ALA A 185 -24.81 -6.72 -0.07
C ALA A 185 -24.42 -5.43 -0.79
N VAL A 186 -23.63 -5.54 -1.85
CA VAL A 186 -23.28 -4.36 -2.65
C VAL A 186 -24.54 -3.66 -3.13
N SER A 187 -25.49 -4.44 -3.67
CA SER A 187 -26.74 -3.86 -4.14
C SER A 187 -27.45 -3.13 -3.00
N ARG A 188 -27.41 -3.69 -1.79
CA ARG A 188 -28.05 -3.05 -0.65
C ARG A 188 -27.42 -1.69 -0.35
N ILE A 189 -26.10 -1.66 -0.20
CA ILE A 189 -25.42 -0.41 0.08
C ILE A 189 -25.71 0.62 -1.01
N ILE A 190 -25.54 0.21 -2.27
CA ILE A 190 -25.81 1.12 -3.39
C ILE A 190 -27.24 1.62 -3.34
N SER A 191 -28.17 0.79 -2.86
CA SER A 191 -29.56 1.23 -2.73
C SER A 191 -29.68 2.29 -1.64
N LYS A 192 -28.95 2.13 -0.54
CA LYS A 192 -28.93 3.17 0.49
C LYS A 192 -28.42 4.48 -0.08
N LEU A 193 -27.30 4.43 -0.82
CA LEU A 193 -26.77 5.66 -1.41
C LEU A 193 -27.74 6.27 -2.39
N LYS A 194 -28.38 5.44 -3.22
CA LYS A 194 -29.40 5.93 -4.13
C LYS A 194 -30.52 6.66 -3.38
N GLN A 195 -30.97 6.08 -2.25
CA GLN A 195 -31.97 6.75 -1.43
C GLN A 195 -31.41 8.03 -0.82
N GLU A 196 -30.13 8.05 -0.48
CA GLU A 196 -29.50 9.20 0.15
C GLU A 196 -29.17 10.33 -0.83
N LYS A 197 -29.67 10.27 -2.06
CA LYS A 197 -29.42 11.31 -3.05
C LYS A 197 -27.93 11.48 -3.33
N VAL A 198 -27.17 10.40 -3.26
CA VAL A 198 -25.72 10.47 -3.44
C VAL A 198 -25.31 10.10 -4.86
N ILE A 199 -25.98 9.11 -5.46
CA ILE A 199 -25.65 8.62 -6.80
C ILE A 199 -26.93 8.20 -7.49
N VAL A 200 -26.86 8.02 -8.81
CA VAL A 200 -27.97 7.51 -9.61
C VAL A 200 -27.41 6.60 -10.69
N TYR A 201 -28.12 5.50 -10.93
CA TYR A 201 -27.71 4.49 -11.91
C TYR A 201 -28.50 4.75 -13.19
N LYS A 202 -27.84 5.37 -14.17
CA LYS A 202 -28.48 5.76 -15.41
C LYS A 202 -27.61 5.40 -16.60
N ASN A 203 -28.24 4.95 -17.68
CA ASN A 203 -27.54 4.61 -18.92
C ASN A 203 -26.48 3.54 -18.68
N SER A 204 -26.81 2.54 -17.86
CA SER A 204 -25.89 1.47 -17.49
C SER A 204 -24.61 2.00 -16.88
N CYS A 205 -24.62 3.22 -16.37
CA CYS A 205 -23.47 3.87 -15.77
C CYS A 205 -23.86 4.48 -14.43
N PHE A 206 -22.85 4.90 -13.68
CA PHE A 206 -23.05 5.53 -12.37
C PHE A 206 -22.79 7.03 -12.48
N TYR A 207 -23.67 7.81 -11.85
CA TYR A 207 -23.55 9.27 -11.83
C TYR A 207 -23.51 9.74 -10.39
N VAL A 208 -22.47 10.50 -10.05
CA VAL A 208 -22.24 10.98 -8.70
C VAL A 208 -22.77 12.40 -8.60
N GLN A 209 -23.68 12.63 -7.65
CA GLN A 209 -24.27 13.94 -7.44
C GLN A 209 -23.81 14.61 -6.14
N ASN A 210 -23.40 13.84 -5.15
CA ASN A 210 -22.97 14.36 -3.85
C ASN A 210 -21.54 13.89 -3.60
N LEU A 211 -20.58 14.57 -4.21
CA LEU A 211 -19.18 14.21 -4.04
C LEU A 211 -18.75 14.37 -2.58
N ASP A 212 -19.26 15.41 -1.91
CA ASP A 212 -18.89 15.67 -0.53
C ASP A 212 -19.18 14.46 0.36
N TYR A 213 -20.34 13.83 0.16
CA TYR A 213 -20.69 12.66 0.95
C TYR A 213 -19.60 11.61 0.89
N LEU A 214 -19.06 11.36 -0.31
CA LEU A 214 -17.96 10.41 -0.45
C LEU A 214 -16.68 10.95 0.19
N LYS A 215 -16.44 12.26 0.06
CA LYS A 215 -15.26 12.85 0.69
C LYS A 215 -15.26 12.59 2.19
N ARG A 216 -16.43 12.67 2.83
CA ARG A 216 -16.52 12.38 4.26
C ARG A 216 -15.96 11.00 4.57
N TYR A 217 -16.36 9.99 3.79
CA TYR A 217 -15.96 8.62 4.06
C TYR A 217 -14.62 8.24 3.44
N ALA A 218 -14.02 9.12 2.63
CA ALA A 218 -12.72 8.85 2.02
C ALA A 218 -11.87 10.12 2.08
N PRO A 219 -11.52 10.56 3.29
CA PRO A 219 -10.71 11.79 3.39
C PRO A 219 -9.30 11.62 2.88
N LYS A 220 -8.64 10.52 3.27
CA LYS A 220 -7.25 10.32 2.86
C LYS A 220 -7.12 10.12 1.36
N LEU A 221 -8.13 9.53 0.71
CA LEU A 221 -8.07 9.34 -0.74
C LEU A 221 -8.22 10.68 -1.46
N ASP A 222 -9.18 11.50 -1.03
CA ASP A 222 -9.31 12.84 -1.59
C ASP A 222 -8.03 13.64 -1.39
N GLU A 223 -7.47 13.57 -0.19
CA GLU A 223 -6.17 14.20 0.06
C GLU A 223 -5.12 13.69 -0.91
N TRP A 224 -5.12 12.39 -1.18
CA TRP A 224 -4.14 11.82 -2.11
C TRP A 224 -4.30 12.41 -3.50
N PHE A 225 -5.54 12.44 -4.00
CA PHE A 225 -5.77 13.03 -5.32
C PHE A 225 -5.36 14.50 -5.35
N TYR A 226 -5.54 15.21 -4.24
CA TYR A 226 -5.10 16.60 -4.20
C TYR A 226 -3.58 16.70 -4.23
N LEU A 227 -2.88 15.72 -3.66
CA LEU A 227 -1.42 15.79 -3.52
C LEU A 227 -0.67 15.08 -4.64
N ALA A 228 -1.18 13.95 -5.12
CA ALA A 228 -0.45 13.14 -6.11
C ALA A 228 -0.96 13.33 -7.53
N CYS A 229 -2.27 13.49 -7.71
CA CYS A 229 -2.87 13.70 -9.03
C CYS A 229 -3.64 15.02 -9.01
N PRO A 230 -2.95 16.15 -8.83
CA PRO A 230 -3.66 17.42 -8.63
C PRO A 230 -4.50 17.85 -9.82
N ALA A 231 -4.10 17.50 -11.05
CA ALA A 231 -4.92 17.82 -12.20
C ALA A 231 -6.24 17.06 -12.15
N THR A 232 -6.18 15.73 -11.98
CA THR A 232 -7.38 14.94 -11.82
C THR A 232 -8.26 15.47 -10.70
N TRP A 233 -7.65 16.06 -9.66
CA TRP A 233 -8.43 16.62 -8.56
C TRP A 233 -9.08 17.94 -8.96
N GLY A 234 -8.35 18.79 -9.67
CA GLY A 234 -8.92 20.06 -10.10
C GLY A 234 -10.03 19.89 -11.12
N LYS A 235 -10.01 18.79 -11.88
CA LYS A 235 -11.07 18.54 -12.85
C LYS A 235 -12.45 18.46 -12.22
N LEU A 236 -12.53 18.28 -10.90
CA LEU A 236 -13.81 18.15 -10.21
C LEU A 236 -13.94 19.11 -9.03
N ASN A 237 -13.15 20.18 -9.02
CA ASN A 237 -13.21 21.15 -7.93
C ASN A 237 -13.01 22.58 -8.44
N ASN B 2 21.76 -5.69 8.52
CA ASN B 2 21.79 -5.72 7.06
C ASN B 2 23.03 -5.00 6.53
N ALA B 3 23.56 -5.48 5.41
CA ALA B 3 24.78 -4.89 4.85
C ALA B 3 24.47 -3.60 4.10
N GLN B 4 23.54 -3.67 3.14
CA GLN B 4 23.16 -2.46 2.40
C GLN B 4 22.84 -1.31 3.33
N ALA B 5 22.20 -1.60 4.46
CA ALA B 5 21.88 -0.55 5.43
C ALA B 5 23.14 0.04 6.03
N GLU B 6 24.14 -0.80 6.32
CA GLU B 6 25.38 -0.30 6.91
C GLU B 6 26.15 0.56 5.92
N GLU B 7 26.30 0.09 4.68
CA GLU B 7 26.95 0.89 3.67
C GLU B 7 26.21 2.22 3.47
N PHE B 8 24.88 2.18 3.48
CA PHE B 8 24.10 3.41 3.40
C PHE B 8 24.45 4.34 4.55
N LYS B 9 24.50 3.81 5.77
CA LYS B 9 24.89 4.60 6.93
C LYS B 9 26.23 5.28 6.71
N LYS B 10 27.26 4.49 6.39
CA LYS B 10 28.58 5.06 6.18
C LYS B 10 28.57 6.11 5.09
N TYR B 11 27.72 5.95 4.08
CA TYR B 11 27.61 6.96 3.03
C TYR B 11 27.04 8.26 3.59
N LEU B 12 25.88 8.18 4.24
CA LEU B 12 25.27 9.38 4.81
C LEU B 12 26.24 10.11 5.74
N GLU B 13 26.82 9.39 6.70
CA GLU B 13 27.79 10.01 7.61
C GLU B 13 28.93 10.62 6.83
N THR B 14 29.47 9.91 5.84
CA THR B 14 30.54 10.46 5.03
C THR B 14 30.12 11.78 4.40
N ASN B 15 28.85 11.94 4.05
CA ASN B 15 28.37 13.20 3.49
C ASN B 15 27.80 14.14 4.53
N GLY B 16 28.42 14.21 5.71
CA GLY B 16 28.05 15.21 6.71
C GLY B 16 26.60 15.14 7.15
N ILE B 17 26.04 13.94 7.25
CA ILE B 17 24.68 13.73 7.71
C ILE B 17 24.77 12.81 8.91
N LYS B 18 24.71 13.39 10.10
CA LYS B 18 24.88 12.63 11.32
C LYS B 18 23.52 12.21 11.88
N PRO B 19 23.48 11.12 12.64
CA PRO B 19 22.20 10.62 13.13
C PRO B 19 21.63 11.51 14.24
N LYS B 20 20.31 11.41 14.40
CA LYS B 20 19.62 12.02 15.52
C LYS B 20 18.97 10.93 16.36
N GLN B 21 18.87 11.22 17.66
CA GLN B 21 18.31 10.30 18.64
C GLN B 21 16.91 10.77 19.03
N PHE B 22 15.98 9.82 19.13
CA PHE B 22 14.60 10.10 19.49
C PHE B 22 14.17 9.13 20.57
N HIS B 23 13.34 9.63 21.49
CA HIS B 23 12.81 8.83 22.59
C HIS B 23 11.35 8.47 22.33
N LYS B 24 10.82 7.57 23.15
CA LYS B 24 9.45 7.11 22.99
C LYS B 24 8.43 8.24 23.11
N LYS B 25 7.42 8.19 22.26
CA LYS B 25 6.36 9.20 22.23
C LYS B 25 6.82 10.46 21.52
N GLU B 26 7.98 10.38 20.87
CA GLU B 26 8.54 11.51 20.15
C GLU B 26 8.28 11.34 18.67
N LEU B 27 7.82 12.40 18.02
CA LEU B 27 7.50 12.35 16.60
C LEU B 27 8.68 12.85 15.79
N ILE B 28 9.10 12.06 14.80
CA ILE B 28 10.16 12.49 13.90
C ILE B 28 9.63 13.54 12.94
N PHE B 29 8.53 13.23 12.25
CA PHE B 29 7.73 14.23 11.56
C PHE B 29 6.29 14.08 11.99
N ASN B 30 5.43 15.00 11.56
CA ASN B 30 4.03 15.00 11.96
C ASN B 30 3.17 15.45 10.80
N GLN B 31 1.88 15.16 10.91
CA GLN B 31 0.92 15.44 9.84
C GLN B 31 0.55 16.91 9.73
N TRP B 32 0.94 17.74 10.69
CA TRP B 32 0.55 19.15 10.71
C TRP B 32 1.64 20.08 10.18
N ASP B 33 2.91 19.76 10.42
CA ASP B 33 3.96 20.61 9.89
C ASP B 33 4.37 19.95 8.58
N PRO B 34 4.24 20.68 7.48
CA PRO B 34 4.58 20.14 6.17
C PRO B 34 6.06 20.23 5.80
N GLN B 35 6.90 19.47 6.51
CA GLN B 35 8.32 19.42 6.20
C GLN B 35 8.61 18.09 5.53
N GLU B 36 8.95 18.14 4.25
CA GLU B 36 9.17 16.92 3.46
C GLU B 36 10.57 16.40 3.77
N TYR B 37 10.63 15.25 4.44
CA TYR B 37 11.87 14.63 4.89
C TYR B 37 12.07 13.29 4.21
N CYS B 38 13.24 12.70 4.44
CA CYS B 38 13.56 11.34 4.03
C CYS B 38 14.15 10.64 5.26
N ILE B 39 13.30 9.98 6.04
CA ILE B 39 13.72 9.35 7.27
C ILE B 39 14.35 8.00 6.95
N PHE B 40 15.59 7.80 7.39
CA PHE B 40 16.27 6.52 7.27
C PHE B 40 16.33 5.91 8.68
N LEU B 41 15.22 5.33 9.10
CA LEU B 41 15.12 4.71 10.41
C LEU B 41 16.18 3.61 10.56
N TYR B 42 17.25 3.90 11.29
CA TYR B 42 18.36 2.96 11.41
C TYR B 42 18.13 1.95 12.53
N ASP B 43 17.77 2.43 13.72
CA ASP B 43 17.51 1.55 14.85
C ASP B 43 16.27 2.02 15.59
N GLY B 44 15.54 1.07 16.15
CA GLY B 44 14.35 1.37 16.93
C GLY B 44 13.09 0.86 16.24
N ILE B 45 11.96 1.18 16.86
CA ILE B 45 10.65 0.77 16.37
C ILE B 45 9.73 1.99 16.40
N THR B 46 9.03 2.21 15.31
CA THR B 46 8.14 3.37 15.16
C THR B 46 6.81 2.90 14.60
N LYS B 47 5.80 3.76 14.68
CA LYS B 47 4.49 3.49 14.11
C LYS B 47 4.04 4.69 13.30
N LEU B 48 3.54 4.42 12.10
CA LEU B 48 2.99 5.45 11.22
C LEU B 48 1.52 5.60 11.52
N THR B 49 1.11 6.80 11.92
CA THR B 49 -0.25 7.05 12.38
C THR B 49 -0.87 8.21 11.62
N SER B 50 -2.19 8.28 11.67
CA SER B 50 -2.97 9.35 11.07
C SER B 50 -4.16 9.64 11.96
N ILE B 51 -4.45 10.93 12.17
CA ILE B 51 -5.56 11.36 13.00
C ILE B 51 -6.53 12.15 12.13
N SER B 52 -7.81 11.78 12.20
CA SER B 52 -8.83 12.44 11.40
C SER B 52 -9.29 13.73 12.07
N GLU B 53 -10.14 14.48 11.36
CA GLU B 53 -10.74 15.68 11.95
C GLU B 53 -11.53 15.33 13.21
N ASN B 54 -12.17 14.17 13.22
CA ASN B 54 -12.92 13.73 14.40
C ASN B 54 -12.01 13.36 15.55
N GLY B 55 -10.73 13.11 15.29
CA GLY B 55 -9.80 12.68 16.31
C GLY B 55 -9.51 11.19 16.31
N THR B 56 -10.11 10.44 15.38
CA THR B 56 -9.88 8.99 15.33
C THR B 56 -8.46 8.69 14.88
N ILE B 57 -7.80 7.78 15.60
CA ILE B 57 -6.42 7.41 15.31
C ILE B 57 -6.43 6.16 14.43
N MET B 58 -5.46 6.07 13.53
CA MET B 58 -5.34 4.93 12.62
C MET B 58 -3.87 4.53 12.54
N ASN B 59 -3.57 3.32 13.01
CA ASN B 59 -2.21 2.78 12.91
C ASN B 59 -2.09 2.07 11.56
N LEU B 60 -1.39 2.70 10.62
CA LEU B 60 -1.27 2.16 9.29
C LEU B 60 -0.20 1.08 9.17
N GLN B 61 0.80 1.09 10.04
CA GLN B 61 1.99 0.28 9.85
C GLN B 61 2.99 0.59 10.95
N TYR B 62 3.90 -0.35 11.19
CA TYR B 62 5.08 -0.12 12.02
C TYR B 62 6.33 -0.17 11.15
N TYR B 63 7.40 0.43 11.66
CA TYR B 63 8.71 0.39 11.00
C TYR B 63 9.75 -0.05 12.01
N LYS B 64 10.53 -1.07 11.64
CA LYS B 64 11.62 -1.58 12.46
C LYS B 64 12.90 -1.47 11.65
N GLY B 65 13.85 -0.68 12.14
CA GLY B 65 15.07 -0.42 11.40
C GLY B 65 15.81 -1.70 11.03
N ALA B 66 16.58 -1.68 9.94
CA ALA B 66 16.78 -0.51 9.10
C ALA B 66 15.71 -0.43 8.02
N PHE B 67 15.25 0.78 7.72
CA PHE B 67 14.26 0.98 6.66
C PHE B 67 14.24 2.46 6.30
N VAL B 68 13.49 2.77 5.25
CA VAL B 68 13.40 4.13 4.71
C VAL B 68 11.94 4.55 4.66
N ILE B 69 11.66 5.77 5.11
CA ILE B 69 10.32 6.35 5.08
C ILE B 69 10.40 7.71 4.40
N MET B 70 9.57 7.91 3.39
CA MET B 70 9.50 9.17 2.66
C MET B 70 8.25 9.92 3.10
N SER B 71 8.39 11.21 3.37
CA SER B 71 7.26 12.09 3.63
C SER B 71 7.03 13.09 2.51
N GLY B 72 7.86 13.07 1.48
CA GLY B 72 7.67 13.93 0.32
C GLY B 72 8.26 13.29 -0.91
N PHE B 73 7.72 13.66 -2.07
CA PHE B 73 8.22 13.11 -3.32
C PHE B 73 9.64 13.61 -3.59
N ILE B 74 10.34 12.88 -4.45
CA ILE B 74 11.73 13.20 -4.73
C ILE B 74 11.86 14.22 -5.86
N ASP B 75 10.98 14.16 -6.86
CA ASP B 75 11.03 15.12 -7.95
C ASP B 75 10.32 16.41 -7.57
N THR B 76 8.99 16.36 -7.41
CA THR B 76 8.22 17.55 -7.10
C THR B 76 8.59 18.12 -5.74
N GLU B 77 9.17 17.31 -4.84
CA GLU B 77 9.48 17.73 -3.48
C GLU B 77 8.22 18.17 -2.73
N THR B 78 7.05 17.76 -3.20
CA THR B 78 5.80 18.01 -2.50
C THR B 78 5.53 16.88 -1.50
N SER B 79 4.38 16.94 -0.84
CA SER B 79 4.05 15.98 0.20
C SER B 79 3.36 14.75 -0.38
N VAL B 80 3.73 13.58 0.15
CA VAL B 80 3.13 12.31 -0.28
C VAL B 80 1.90 11.96 0.55
N GLY B 81 1.57 12.74 1.57
CA GLY B 81 0.49 12.43 2.48
C GLY B 81 0.89 12.85 3.88
N TYR B 82 -0.09 13.28 4.65
CA TYR B 82 0.14 13.80 5.99
C TYR B 82 0.04 12.65 6.99
N TYR B 83 1.18 12.27 7.57
CA TYR B 83 1.23 11.19 8.54
C TYR B 83 2.22 11.55 9.64
N ASN B 84 2.09 10.86 10.77
CA ASN B 84 3.03 10.98 11.88
C ASN B 84 3.82 9.69 12.01
N LEU B 85 5.06 9.82 12.48
CA LEU B 85 5.93 8.67 12.73
C LEU B 85 6.34 8.74 14.19
N GLU B 86 5.61 8.04 15.04
CA GLU B 86 5.82 8.10 16.49
C GLU B 86 6.75 6.98 16.93
N VAL B 87 7.75 7.33 17.73
CA VAL B 87 8.64 6.33 18.29
C VAL B 87 7.91 5.59 19.40
N ILE B 88 7.83 4.27 19.28
CA ILE B 88 7.18 3.45 20.30
C ILE B 88 8.17 2.57 21.06
N SER B 89 9.37 2.35 20.53
CA SER B 89 10.42 1.72 21.33
C SER B 89 10.92 2.73 22.36
N GLU B 90 11.76 2.24 23.28
CA GLU B 90 12.28 3.12 24.32
C GLU B 90 13.18 4.20 23.72
N GLN B 91 14.07 3.82 22.80
CA GLN B 91 14.95 4.76 22.13
C GLN B 91 15.12 4.32 20.69
N ALA B 92 15.37 5.29 19.80
CA ALA B 92 15.54 5.00 18.38
C ALA B 92 16.52 5.98 17.78
N THR B 93 17.31 5.51 16.82
CA THR B 93 18.29 6.31 16.11
C THR B 93 17.89 6.38 14.65
N ALA B 94 17.82 7.60 14.10
CA ALA B 94 17.39 7.76 12.71
C ALA B 94 18.12 8.94 12.09
N TYR B 95 18.34 8.84 10.77
CA TYR B 95 19.02 9.87 10.00
C TYR B 95 17.98 10.69 9.24
N VAL B 96 17.77 11.92 9.70
CA VAL B 96 16.86 12.84 9.01
C VAL B 96 17.62 13.52 7.89
N ILE B 97 17.08 13.43 6.67
CA ILE B 97 17.71 14.00 5.48
C ILE B 97 16.75 14.97 4.84
N LYS B 98 17.27 16.12 4.40
CA LYS B 98 16.48 17.07 3.65
C LYS B 98 16.11 16.47 2.28
N ILE B 99 14.87 16.71 1.86
CA ILE B 99 14.37 16.06 0.65
C ILE B 99 15.20 16.47 -0.56
N ASN B 100 15.66 17.72 -0.59
CA ASN B 100 16.44 18.19 -1.73
C ASN B 100 17.80 17.52 -1.80
N GLU B 101 18.48 17.37 -0.66
CA GLU B 101 19.80 16.77 -0.65
C GLU B 101 19.75 15.31 -1.06
N LEU B 102 18.67 14.60 -0.74
CA LEU B 102 18.56 13.18 -1.08
C LEU B 102 18.83 12.96 -2.56
N LYS B 103 18.24 13.79 -3.41
CA LYS B 103 18.45 13.66 -4.85
C LYS B 103 19.94 13.76 -5.19
N GLU B 104 20.63 14.74 -4.59
CA GLU B 104 22.06 14.90 -4.85
C GLU B 104 22.86 13.69 -4.34
N LEU B 105 22.41 13.07 -3.25
CA LEU B 105 23.15 11.93 -2.69
C LEU B 105 22.97 10.70 -3.55
N LEU B 106 21.72 10.40 -3.96
CA LEU B 106 21.48 9.20 -4.75
C LEU B 106 21.99 9.35 -6.17
N SER B 107 22.06 10.57 -6.69
CA SER B 107 22.58 10.75 -8.03
C SER B 107 24.04 10.29 -8.07
N LYS B 108 24.79 10.61 -7.03
CA LYS B 108 26.21 10.25 -6.95
C LYS B 108 26.53 8.75 -6.88
N ASN B 109 25.77 8.00 -6.08
CA ASN B 109 25.99 6.57 -5.92
C ASN B 109 24.76 5.80 -6.38
N LEU B 110 24.94 4.78 -7.20
CA LEU B 110 23.77 4.07 -7.69
C LEU B 110 23.36 2.91 -6.80
N THR B 111 24.32 2.28 -6.11
CA THR B 111 23.99 1.16 -5.23
C THR B 111 22.98 1.58 -4.16
N HIS B 112 23.30 2.68 -3.46
CA HIS B 112 22.38 3.17 -2.44
C HIS B 112 21.04 3.54 -3.05
N PHE B 113 21.04 4.11 -4.23
CA PHE B 113 19.81 4.40 -4.96
C PHE B 113 18.96 3.13 -5.07
N PHE B 114 19.57 2.05 -5.57
CA PHE B 114 18.85 0.79 -5.69
C PHE B 114 18.39 0.27 -4.33
N TYR B 115 19.15 0.54 -3.27
CA TYR B 115 18.71 0.13 -1.93
C TYR B 115 17.40 0.83 -1.57
N VAL B 116 17.35 2.15 -1.73
CA VAL B 116 16.13 2.89 -1.43
C VAL B 116 14.99 2.38 -2.29
N PHE B 117 15.25 2.17 -3.59
CA PHE B 117 14.23 1.64 -4.47
C PHE B 117 13.69 0.30 -3.95
N GLN B 118 14.58 -0.58 -3.50
CA GLN B 118 14.15 -1.89 -3.04
C GLN B 118 13.31 -1.78 -1.77
N THR B 119 13.73 -0.94 -0.81
CA THR B 119 12.89 -0.70 0.36
C THR B 119 11.51 -0.21 -0.07
N LEU B 120 11.46 0.64 -1.10
CA LEU B 120 10.17 1.11 -1.61
C LEU B 120 9.33 -0.05 -2.10
N GLN B 121 9.90 -0.92 -2.94
CA GLN B 121 9.17 -2.10 -3.41
C GLN B 121 8.66 -2.92 -2.22
N LYS B 122 9.51 -3.10 -1.20
CA LYS B 122 9.06 -3.78 0.02
C LYS B 122 7.80 -3.14 0.57
N GLN B 123 7.79 -1.80 0.65
CA GLN B 123 6.60 -1.09 1.11
C GLN B 123 5.40 -1.43 0.24
N VAL B 124 5.57 -1.37 -1.08
CA VAL B 124 4.45 -1.61 -1.99
C VAL B 124 3.86 -2.99 -1.77
N SER B 125 4.67 -4.04 -1.96
CA SER B 125 4.19 -5.40 -1.81
C SER B 125 3.54 -5.58 -0.45
N TYR B 126 4.20 -5.09 0.61
CA TYR B 126 3.61 -5.16 1.95
C TYR B 126 2.19 -4.60 1.95
N SER B 127 2.01 -3.40 1.40
CA SER B 127 0.70 -2.76 1.45
C SER B 127 -0.33 -3.55 0.67
N LEU B 128 0.05 -4.07 -0.51
CA LEU B 128 -0.90 -4.86 -1.29
C LEU B 128 -1.36 -6.10 -0.53
N ALA B 129 -0.40 -6.89 -0.02
CA ALA B 129 -0.76 -8.09 0.72
C ALA B 129 -1.65 -7.77 1.91
N LYS B 130 -1.25 -6.76 2.69
CA LYS B 130 -2.04 -6.38 3.87
C LYS B 130 -3.46 -6.00 3.47
N PHE B 131 -3.59 -5.14 2.45
CA PHE B 131 -4.90 -4.74 1.97
C PHE B 131 -5.75 -5.95 1.63
N ASN B 132 -5.17 -6.92 0.92
CA ASN B 132 -5.88 -8.14 0.57
C ASN B 132 -6.39 -8.86 1.82
N ASP B 133 -5.45 -9.31 2.67
CA ASP B 133 -5.83 -10.17 3.80
C ASP B 133 -6.76 -9.46 4.78
N PHE B 134 -6.63 -8.13 4.91
CA PHE B 134 -7.54 -7.39 5.78
C PHE B 134 -8.90 -7.24 5.13
N SER B 135 -8.94 -7.06 3.82
CA SER B 135 -10.20 -6.78 3.13
C SER B 135 -11.10 -8.01 3.10
N ILE B 136 -10.53 -9.20 2.87
CA ILE B 136 -11.38 -10.36 2.65
C ILE B 136 -12.21 -10.70 3.88
N ASN B 137 -11.56 -11.13 4.96
CA ASN B 137 -12.26 -11.75 6.08
C ASN B 137 -12.64 -10.76 7.18
N GLY B 138 -12.74 -9.46 6.88
CA GLY B 138 -13.27 -8.52 7.84
C GLY B 138 -12.34 -8.29 9.01
N LYS B 139 -12.94 -8.11 10.20
CA LYS B 139 -12.18 -7.71 11.37
C LYS B 139 -11.43 -8.88 12.00
N LEU B 140 -12.03 -10.06 12.03
CA LEU B 140 -11.29 -11.24 12.49
C LEU B 140 -10.03 -11.42 11.66
N GLY B 141 -10.17 -11.36 10.33
CA GLY B 141 -9.01 -11.47 9.46
C GLY B 141 -8.03 -10.34 9.62
N SER B 142 -8.52 -9.13 9.93
CA SER B 142 -7.62 -8.01 10.16
C SER B 142 -6.77 -8.26 11.40
N ILE B 143 -7.41 -8.58 12.53
CA ILE B 143 -6.69 -8.91 13.75
C ILE B 143 -5.69 -10.02 13.48
N CYS B 144 -6.14 -11.11 12.87
CA CYS B 144 -5.25 -12.24 12.61
C CYS B 144 -4.04 -11.81 11.78
N GLY B 145 -4.28 -11.00 10.76
CA GLY B 145 -3.16 -10.53 9.93
C GLY B 145 -2.18 -9.70 10.73
N GLN B 146 -2.68 -8.74 11.50
CA GLN B 146 -1.80 -7.93 12.34
C GLN B 146 -0.99 -8.82 13.27
N LEU B 147 -1.63 -9.80 13.89
CA LEU B 147 -0.90 -10.73 14.76
C LEU B 147 0.17 -11.48 13.99
N LEU B 148 -0.11 -11.82 12.74
CA LEU B 148 0.93 -12.48 11.93
C LEU B 148 2.12 -11.55 11.72
N ILE B 149 1.85 -10.29 11.37
CA ILE B 149 2.92 -9.33 11.17
C ILE B 149 3.76 -9.20 12.43
N LEU B 150 3.10 -8.91 13.56
CA LEU B 150 3.83 -8.71 14.81
C LEU B 150 4.54 -9.98 15.25
N THR B 151 4.04 -11.15 14.83
CA THR B 151 4.68 -12.40 15.22
C THR B 151 5.93 -12.65 14.40
N TYR B 152 5.91 -12.31 13.11
CA TYR B 152 7.10 -12.47 12.29
C TYR B 152 8.15 -11.41 12.58
N VAL B 153 7.74 -10.20 12.95
CA VAL B 153 8.69 -9.11 13.14
C VAL B 153 9.20 -9.03 14.58
N TYR B 154 8.33 -9.29 15.55
CA TYR B 154 8.68 -9.14 16.96
C TYR B 154 8.44 -10.42 17.75
N GLY B 155 8.55 -11.57 17.10
CA GLY B 155 8.24 -12.86 17.71
C GLY B 155 9.49 -13.67 17.97
N LYS B 156 9.46 -14.44 19.06
CA LYS B 156 10.58 -15.28 19.46
C LYS B 156 10.04 -16.56 20.07
N GLU B 157 10.55 -17.70 19.62
CA GLU B 157 10.10 -18.99 20.13
C GLU B 157 10.32 -19.08 21.64
N THR B 158 9.32 -19.61 22.33
CA THR B 158 9.36 -19.75 23.78
C THR B 158 8.81 -21.11 24.19
N PRO B 159 8.99 -21.54 25.43
CA PRO B 159 8.46 -22.85 25.84
C PRO B 159 6.98 -23.03 25.53
N ASP B 160 6.15 -22.04 25.86
CA ASP B 160 4.72 -22.16 25.63
C ASP B 160 4.31 -21.84 24.19
N GLY B 161 5.13 -21.06 23.47
CA GLY B 161 4.81 -20.74 22.09
C GLY B 161 5.73 -19.68 21.51
N ILE B 162 5.15 -18.75 20.75
CA ILE B 162 5.90 -17.66 20.14
C ILE B 162 5.51 -16.38 20.86
N LYS B 163 6.44 -15.85 21.66
CA LYS B 163 6.19 -14.63 22.42
C LYS B 163 6.44 -13.42 21.53
N ILE B 164 5.49 -12.49 21.52
CA ILE B 164 5.64 -11.23 20.79
C ILE B 164 6.23 -10.22 21.76
N THR B 165 7.48 -9.80 21.49
CA THR B 165 8.21 -8.92 22.39
C THR B 165 7.88 -7.47 22.03
N LEU B 166 6.77 -6.98 22.60
CA LEU B 166 6.39 -5.58 22.43
C LEU B 166 5.94 -5.04 23.78
N ASP B 167 6.57 -3.96 24.23
CA ASP B 167 6.25 -3.36 25.52
C ASP B 167 4.82 -2.87 25.62
N ASN B 168 4.32 -2.20 24.59
CA ASN B 168 2.95 -1.72 24.62
C ASN B 168 2.11 -2.35 23.52
N LEU B 169 1.11 -3.13 23.92
CA LEU B 169 0.21 -3.78 22.98
C LEU B 169 -1.23 -3.68 23.46
N THR B 170 -1.59 -2.54 24.05
CA THR B 170 -2.93 -2.34 24.55
C THR B 170 -3.98 -2.68 23.50
N MET B 171 -5.15 -3.11 23.97
CA MET B 171 -6.26 -3.37 23.06
C MET B 171 -6.51 -2.19 22.13
N GLN B 172 -6.43 -0.97 22.67
CA GLN B 172 -6.60 0.22 21.84
C GLN B 172 -5.62 0.22 20.67
N GLU B 173 -4.38 -0.21 20.90
CA GLU B 173 -3.39 -0.22 19.83
C GLU B 173 -3.76 -1.22 18.74
N LEU B 174 -4.12 -2.45 19.14
CA LEU B 174 -4.56 -3.43 18.16
C LEU B 174 -5.74 -2.89 17.35
N GLY B 175 -6.74 -2.32 18.02
CA GLY B 175 -7.85 -1.73 17.30
C GLY B 175 -7.40 -0.68 16.31
N TYR B 176 -6.52 0.23 16.74
CA TYR B 176 -6.00 1.24 15.84
C TYR B 176 -5.28 0.62 14.64
N SER B 177 -4.72 -0.59 14.81
CA SER B 177 -4.04 -1.23 13.70
C SER B 177 -4.98 -2.00 12.79
N SER B 178 -6.20 -2.30 13.25
CA SER B 178 -7.15 -3.12 12.48
C SER B 178 -8.48 -2.40 12.26
N GLY B 179 -8.50 -1.07 12.34
CA GLY B 179 -9.70 -0.32 12.07
C GLY B 179 -10.80 -0.49 13.09
N ILE B 180 -10.53 -1.12 14.23
CA ILE B 180 -11.52 -1.25 15.30
C ILE B 180 -11.39 -0.03 16.22
N ALA B 181 -12.51 0.63 16.48
CA ALA B 181 -12.51 1.86 17.26
C ALA B 181 -12.62 1.61 18.75
N HIS B 182 -13.29 0.54 19.16
CA HIS B 182 -13.60 0.28 20.56
C HIS B 182 -12.77 -0.89 21.06
N SER B 183 -12.17 -0.72 22.25
CA SER B 183 -11.35 -1.77 22.83
C SER B 183 -12.17 -3.00 23.19
N SER B 184 -13.47 -2.83 23.44
CA SER B 184 -14.30 -3.97 23.81
C SER B 184 -14.40 -4.99 22.68
N ALA B 185 -14.57 -4.51 21.45
CA ALA B 185 -14.71 -5.43 20.32
C ALA B 185 -13.43 -6.24 20.13
N VAL B 186 -12.29 -5.56 20.04
CA VAL B 186 -11.02 -6.28 19.90
C VAL B 186 -10.83 -7.23 21.07
N SER B 187 -11.27 -6.84 22.27
CA SER B 187 -11.18 -7.74 23.40
C SER B 187 -12.05 -8.98 23.19
N ARG B 188 -13.17 -8.82 22.49
CA ARG B 188 -14.06 -9.94 22.21
C ARG B 188 -13.42 -10.90 21.20
N ILE B 189 -12.90 -10.36 20.11
CA ILE B 189 -12.19 -11.20 19.13
C ILE B 189 -11.04 -11.93 19.80
N ILE B 190 -10.25 -11.21 20.59
CA ILE B 190 -9.14 -11.83 21.31
C ILE B 190 -9.66 -12.94 22.22
N SER B 191 -10.79 -12.70 22.89
CA SER B 191 -11.37 -13.74 23.73
C SER B 191 -11.68 -14.99 22.91
N LYS B 192 -12.24 -14.81 21.72
CA LYS B 192 -12.50 -15.96 20.86
C LYS B 192 -11.21 -16.69 20.53
N LEU B 193 -10.19 -15.96 20.07
CA LEU B 193 -8.93 -16.61 19.70
C LEU B 193 -8.33 -17.37 20.87
N LYS B 194 -8.40 -16.79 22.08
CA LYS B 194 -7.94 -17.50 23.27
C LYS B 194 -8.72 -18.79 23.46
N GLN B 195 -10.06 -18.70 23.43
CA GLN B 195 -10.89 -19.88 23.65
C GLN B 195 -10.62 -20.96 22.61
N GLU B 196 -10.23 -20.56 21.39
CA GLU B 196 -9.88 -21.52 20.35
C GLU B 196 -8.44 -22.02 20.46
N LYS B 197 -7.76 -21.72 21.57
CA LYS B 197 -6.38 -22.14 21.78
C LYS B 197 -5.48 -21.70 20.63
N VAL B 198 -5.58 -20.42 20.28
CA VAL B 198 -4.74 -19.83 19.26
C VAL B 198 -3.69 -18.89 19.87
N ILE B 199 -3.99 -18.21 20.97
CA ILE B 199 -3.07 -17.28 21.60
C ILE B 199 -3.30 -17.32 23.11
N VAL B 200 -2.33 -16.76 23.85
CA VAL B 200 -2.42 -16.66 25.30
C VAL B 200 -1.99 -15.26 25.71
N TYR B 201 -2.61 -14.75 26.76
CA TYR B 201 -2.30 -13.42 27.32
C TYR B 201 -1.57 -13.63 28.64
N LYS B 202 -0.24 -13.66 28.57
CA LYS B 202 0.59 -13.94 29.74
C LYS B 202 1.70 -12.91 29.84
N ASN B 203 1.96 -12.45 31.07
CA ASN B 203 3.00 -11.46 31.32
C ASN B 203 2.71 -10.13 30.63
N SER B 204 1.42 -9.78 30.52
CA SER B 204 0.98 -8.62 29.75
C SER B 204 1.46 -8.70 28.30
N CYS B 205 1.78 -9.89 27.84
CA CYS B 205 2.24 -10.15 26.48
C CYS B 205 1.34 -11.18 25.82
N PHE B 206 1.56 -11.39 24.53
CA PHE B 206 0.80 -12.35 23.75
C PHE B 206 1.72 -13.47 23.28
N TYR B 207 1.25 -14.70 23.43
CA TYR B 207 1.98 -15.89 23.00
C TYR B 207 1.17 -16.58 21.92
N VAL B 208 1.75 -16.69 20.72
CA VAL B 208 1.10 -17.34 19.60
C VAL B 208 1.49 -18.81 19.60
N GLN B 209 0.50 -19.69 19.74
CA GLN B 209 0.73 -21.12 19.73
C GLN B 209 0.24 -21.80 18.46
N ASN B 210 -0.71 -21.22 17.76
CA ASN B 210 -1.26 -21.78 16.53
C ASN B 210 -1.01 -20.78 15.40
N LEU B 211 0.15 -20.88 14.77
CA LEU B 211 0.50 -19.96 13.69
C LEU B 211 -0.30 -20.25 12.43
N ASP B 212 -0.57 -21.53 12.15
CA ASP B 212 -1.27 -21.88 10.93
C ASP B 212 -2.66 -21.24 10.89
N TYR B 213 -3.32 -21.13 12.05
CA TYR B 213 -4.62 -20.49 12.10
C TYR B 213 -4.54 -19.07 11.54
N LEU B 214 -3.51 -18.32 11.91
CA LEU B 214 -3.33 -16.98 11.37
C LEU B 214 -2.93 -17.03 9.91
N LYS B 215 -2.07 -17.98 9.53
CA LYS B 215 -1.69 -18.13 8.14
C LYS B 215 -2.91 -18.28 7.24
N ARG B 216 -3.95 -18.97 7.73
CA ARG B 216 -5.17 -19.14 6.94
C ARG B 216 -5.84 -17.79 6.68
N TYR B 217 -5.94 -16.94 7.71
CA TYR B 217 -6.60 -15.65 7.57
C TYR B 217 -5.67 -14.57 7.02
N ALA B 218 -4.40 -14.90 6.75
CA ALA B 218 -3.46 -13.93 6.17
C ALA B 218 -2.54 -14.64 5.19
N PRO B 219 -3.10 -15.22 4.11
CA PRO B 219 -2.24 -15.91 3.13
C PRO B 219 -1.25 -14.98 2.45
N LYS B 220 -1.73 -13.82 1.97
CA LYS B 220 -0.85 -12.93 1.22
C LYS B 220 0.24 -12.33 2.10
N LEU B 221 -0.03 -12.19 3.40
CA LEU B 221 0.99 -11.65 4.29
C LEU B 221 2.10 -12.66 4.53
N ASP B 222 1.73 -13.88 4.94
CA ASP B 222 2.73 -14.94 5.06
C ASP B 222 3.52 -15.10 3.78
N GLU B 223 2.81 -15.19 2.65
CA GLU B 223 3.48 -15.25 1.35
C GLU B 223 4.45 -14.09 1.19
N TRP B 224 4.06 -12.90 1.64
CA TRP B 224 4.92 -11.73 1.49
C TRP B 224 6.19 -11.88 2.31
N PHE B 225 6.06 -12.14 3.62
CA PHE B 225 7.24 -12.38 4.43
C PHE B 225 8.13 -13.46 3.82
N TYR B 226 7.52 -14.45 3.16
CA TYR B 226 8.30 -15.49 2.52
C TYR B 226 9.05 -14.98 1.30
N LEU B 227 8.47 -14.01 0.58
CA LEU B 227 9.05 -13.55 -0.67
C LEU B 227 9.92 -12.30 -0.54
N ALA B 228 9.89 -11.62 0.62
CA ALA B 228 10.60 -10.35 0.79
C ALA B 228 11.35 -10.24 2.11
N CYS B 229 10.94 -10.95 3.16
CA CYS B 229 11.70 -11.02 4.41
C CYS B 229 11.97 -12.48 4.74
N PRO B 230 12.59 -13.23 3.82
CA PRO B 230 12.77 -14.67 4.05
C PRO B 230 13.62 -14.98 5.27
N ALA B 231 14.58 -14.12 5.60
CA ALA B 231 15.33 -14.30 6.83
C ALA B 231 14.41 -14.21 8.04
N THR B 232 13.44 -13.30 7.99
CA THR B 232 12.46 -13.18 9.06
C THR B 232 11.42 -14.29 9.02
N TRP B 233 11.22 -14.91 7.85
CA TRP B 233 10.22 -15.95 7.65
C TRP B 233 10.70 -17.33 8.08
N GLY B 234 11.97 -17.65 7.82
CA GLY B 234 12.51 -18.95 8.17
C GLY B 234 12.71 -19.17 9.65
N LYS B 235 12.80 -18.09 10.43
CA LYS B 235 13.01 -18.21 11.87
C LYS B 235 11.82 -18.87 12.57
N LEU B 236 10.71 -19.10 11.88
CA LEU B 236 9.55 -19.77 12.46
C LEU B 236 9.04 -20.90 11.57
N ASN B 237 9.88 -21.44 10.70
CA ASN B 237 9.49 -22.52 9.81
C ASN B 237 10.65 -23.46 9.51
N1 GSH E . -1.60 7.79 -15.10
CA1 GSH E . -2.49 8.35 -14.11
C1 GSH E . -1.70 9.23 -13.13
O11 GSH E . -2.31 10.08 -12.43
O12 GSH E . -0.45 9.05 -13.04
CB1 GSH E . -3.18 7.23 -13.33
CG1 GSH E . -2.22 6.21 -12.73
CD1 GSH E . -2.94 5.22 -11.83
OE1 GSH E . -3.70 4.38 -12.30
N2 GSH E . -2.69 5.32 -10.51
CA2 GSH E . -3.35 4.41 -9.58
C2 GSH E . -4.83 4.77 -9.56
O2 GSH E . -5.18 5.95 -9.57
CB2 GSH E . -2.78 4.54 -8.17
SG2 GSH E . -1.16 3.77 -7.97
N3 GSH E . -5.68 3.75 -9.52
CA3 GSH E . -7.11 4.00 -9.50
C3 GSH E . -7.92 2.75 -9.16
O31 GSH E . -7.47 1.99 -8.27
O32 GSH E . -8.98 2.55 -9.82
HN11 GSH E . -0.76 7.93 -14.86
HN12 GSH E . -1.74 8.19 -15.89
HA1 GSH E . -3.16 8.91 -14.54
HB12 GSH E . -3.71 7.63 -12.62
HB13 GSH E . -3.79 6.77 -13.94
HG12 GSH E . -1.54 6.68 -12.21
HG13 GSH E . -1.78 5.74 -13.44
HN2 GSH E . -2.15 5.93 -10.22
HA2 GSH E . -3.23 3.50 -9.90
HB22 GSH E . -3.41 4.11 -7.55
HB23 GSH E . -2.72 5.47 -7.95
HSG GSH E . -0.36 4.60 -7.65
HN3 GSH E . -5.38 2.94 -9.51
HA31 GSH E . -7.30 4.68 -8.82
HA32 GSH E . -7.38 4.33 -10.36
N1 GSH F . 14.27 -3.72 8.10
CA1 GSH F . 13.39 -4.85 7.81
C1 GSH F . 13.41 -5.13 6.30
O11 GSH F . 14.40 -4.74 5.63
O12 GSH F . 12.45 -5.75 5.79
CB1 GSH F . 11.97 -4.50 8.26
CG1 GSH F . 11.42 -3.22 7.63
CD1 GSH F . 9.97 -2.94 8.02
OE1 GSH F . 9.68 -2.46 9.11
N2 GSH F . 9.05 -3.24 7.09
CA2 GSH F . 7.64 -3.00 7.34
C2 GSH F . 7.12 -4.00 8.38
O2 GSH F . 7.51 -5.17 8.39
CB2 GSH F . 6.83 -3.15 6.06
SG2 GSH F . 7.48 -2.15 4.70
N3 GSH F . 6.23 -3.52 9.24
CA3 GSH F . 5.67 -4.40 10.27
C3 GSH F . 4.38 -3.83 10.85
O31 GSH F . 4.14 -4.02 12.07
O32 GSH F . 3.62 -3.20 10.06
HN11 GSH F . 14.91 -3.68 7.47
HN12 GSH F . 14.65 -3.85 8.89
HA1 GSH F . 13.71 -5.63 8.28
HB12 GSH F . 11.98 -4.40 9.22
HB13 GSH F . 11.39 -5.24 8.03
HG12 GSH F . 11.97 -2.48 7.92
HG13 GSH F . 11.48 -3.31 6.67
HN2 GSH F . 9.29 -3.58 6.34
HA2 GSH F . 7.53 -2.10 7.69
HB22 GSH F . 5.92 -2.88 6.24
HB23 GSH F . 6.83 -4.08 5.80
HSG GSH F . 8.04 -2.87 3.91
HN3 GSH F . 5.98 -2.70 9.20
HA31 GSH F . 5.49 -5.26 9.88
HA32 GSH F . 6.32 -4.49 10.99
#